data_9F4Y
#
_entry.id   9F4Y
#
_cell.length_a   38.029
_cell.length_b   43.882
_cell.length_c   55.875
_cell.angle_alpha   90.000
_cell.angle_beta   94.190
_cell.angle_gamma   90.000
#
_symmetry.space_group_name_H-M   'P 1 21 1'
#
loop_
_entity.id
_entity.type
_entity.pdbx_description
1 polymer 'Heterogeneous nuclear ribonucleoprotein A1, N-terminally processed'
2 non-polymer 1-(3,4,5-trimethoxyphenyl)methanamine
3 water water
#
_entity_poly.entity_id   1
_entity_poly.type   'polypeptide(L)'
_entity_poly.pdbx_seq_one_letter_code
;GPMGSKSESPKEPEQLRKLFIGGLSFETTDESLRSHFEQWGTLTDCVVMRDPNTKRSRGFGFVTYATVEEVDAAMNARPH
KVDGRVVEPKRAVSREDSQRPGAHLTVKKIFVGGIKEDTEEHHLRDYFEQYGKIEVIEIMTDRGSGKKRGFAFVTFDDHD
SVDKIVIQKYHTVNGHNCEVRKALSKQEMASASSSQRG
;
_entity_poly.pdbx_strand_id   A
#
loop_
_chem_comp.id
_chem_comp.type
_chem_comp.name
_chem_comp.formula
W0S non-polymer 1-(3,4,5-trimethoxyphenyl)methanamine 'C10 H15 N O3'
#
# COMPACT_ATOMS: atom_id res chain seq x y z
N PRO A 10 -11.47 19.09 3.53
CA PRO A 10 -11.12 19.25 2.11
C PRO A 10 -10.46 17.99 1.54
N LYS A 11 -10.27 17.96 0.23
CA LYS A 11 -9.91 16.74 -0.48
C LYS A 11 -8.50 16.27 -0.10
N GLU A 12 -8.36 14.96 0.08
CA GLU A 12 -7.04 14.37 0.26
C GLU A 12 -6.15 14.70 -0.94
N PRO A 13 -4.85 14.84 -0.72
CA PRO A 13 -3.93 15.11 -1.84
C PRO A 13 -4.10 14.08 -2.95
N GLU A 14 -4.08 14.56 -4.19
CA GLU A 14 -4.30 13.70 -5.34
C GLU A 14 -3.32 12.53 -5.39
N GLN A 15 -2.06 12.78 -4.98
CA GLN A 15 -1.07 11.71 -4.99
C GLN A 15 -1.51 10.50 -4.19
N LEU A 16 -2.26 10.71 -3.11
CA LEU A 16 -2.69 9.64 -2.23
C LEU A 16 -3.97 8.98 -2.74
N ARG A 17 -4.55 9.48 -3.83
CA ARG A 17 -5.76 8.94 -4.43
C ARG A 17 -5.50 8.20 -5.73
N LYS A 18 -4.23 8.05 -6.07
CA LYS A 18 -3.88 7.47 -7.38
C LYS A 18 -3.41 6.02 -7.25
N LEU A 19 -3.78 5.21 -8.21
CA LEU A 19 -3.27 3.86 -8.26
C LEU A 19 -2.61 3.70 -9.61
N PHE A 20 -1.36 3.29 -9.61
N PHE A 20 -1.38 3.31 -9.51
CA PHE A 20 -0.72 2.87 -10.83
CA PHE A 20 -0.74 2.88 -10.73
C PHE A 20 -1.03 1.41 -11.09
C PHE A 20 -1.05 1.43 -10.99
N ILE A 21 -1.38 1.11 -12.33
CA ILE A 21 -1.86 -0.21 -12.72
C ILE A 21 -0.86 -0.77 -13.72
N GLY A 22 -0.01 -1.73 -13.29
CA GLY A 22 0.91 -2.39 -14.19
C GLY A 22 0.34 -3.68 -14.76
N GLY A 23 1.02 -4.18 -15.78
CA GLY A 23 0.64 -5.45 -16.36
C GLY A 23 -0.61 -5.42 -17.19
N LEU A 24 -0.96 -4.27 -17.75
CA LEU A 24 -2.18 -4.19 -18.54
C LEU A 24 -2.07 -5.02 -19.82
N SER A 25 -3.21 -5.55 -20.25
CA SER A 25 -3.33 -5.98 -21.62
C SER A 25 -3.10 -4.79 -22.54
N PHE A 26 -2.39 -5.03 -23.64
CA PHE A 26 -2.17 -3.97 -24.61
C PHE A 26 -3.48 -3.50 -25.26
N GLU A 27 -4.55 -4.29 -25.12
CA GLU A 27 -5.85 -3.88 -25.66
C GLU A 27 -6.66 -3.01 -24.70
N THR A 28 -6.24 -2.86 -23.45
CA THR A 28 -6.95 -2.00 -22.52
C THR A 28 -6.84 -0.54 -22.96
N THR A 29 -7.95 0.17 -22.89
CA THR A 29 -8.06 1.58 -23.27
C THR A 29 -8.41 2.41 -22.04
N ASP A 30 -8.32 3.74 -22.17
CA ASP A 30 -8.79 4.62 -21.11
C ASP A 30 -10.20 4.22 -20.70
N GLU A 31 -11.03 3.92 -21.69
CA GLU A 31 -12.43 3.64 -21.43
C GLU A 31 -12.63 2.30 -20.73
N SER A 32 -11.91 1.26 -21.15
CA SER A 32 -12.09 -0.03 -20.49
C SER A 32 -11.46 -0.07 -19.10
N LEU A 33 -10.34 0.65 -18.92
CA LEU A 33 -9.76 0.75 -17.60
C LEU A 33 -10.69 1.47 -16.65
N ARG A 34 -11.32 2.55 -17.13
CA ARG A 34 -12.29 3.28 -16.33
C ARG A 34 -13.50 2.43 -15.98
N SER A 35 -14.08 1.76 -16.98
CA SER A 35 -15.26 0.94 -16.71
C SER A 35 -14.96 -0.11 -15.65
N HIS A 36 -13.75 -0.67 -15.67
CA HIS A 36 -13.38 -1.64 -14.64
C HIS A 36 -13.29 -0.97 -13.27
N PHE A 37 -12.44 0.04 -13.15
CA PHE A 37 -12.12 0.55 -11.83
C PHE A 37 -13.20 1.44 -11.23
N GLU A 38 -14.14 1.92 -12.04
CA GLU A 38 -15.29 2.65 -11.50
C GLU A 38 -16.18 1.79 -10.63
N GLN A 39 -15.99 0.48 -10.61
CA GLN A 39 -16.77 -0.35 -9.71
C GLN A 39 -16.48 -0.05 -8.24
N TRP A 40 -15.31 0.51 -7.93
CA TRP A 40 -14.91 0.75 -6.54
C TRP A 40 -14.86 2.22 -6.15
N GLY A 41 -15.27 3.12 -7.02
CA GLY A 41 -15.35 4.52 -6.63
C GLY A 41 -15.41 5.43 -7.83
N THR A 42 -15.62 6.71 -7.53
CA THR A 42 -15.64 7.75 -8.54
C THR A 42 -14.22 8.01 -9.03
N LEU A 43 -14.01 7.94 -10.33
CA LEU A 43 -12.70 8.22 -10.94
C LEU A 43 -12.66 9.64 -11.45
N THR A 44 -11.72 10.43 -10.92
CA THR A 44 -11.44 11.76 -11.43
C THR A 44 -10.42 11.77 -12.56
N ASP A 45 -9.74 10.65 -12.81
CA ASP A 45 -8.77 10.55 -13.90
C ASP A 45 -8.55 9.07 -14.19
N CYS A 46 -8.22 8.77 -15.44
CA CYS A 46 -7.97 7.38 -15.85
C CYS A 46 -7.22 7.42 -17.16
N VAL A 47 -5.98 6.91 -17.18
CA VAL A 47 -5.10 7.05 -18.34
C VAL A 47 -4.37 5.74 -18.59
N VAL A 48 -4.38 5.27 -19.84
CA VAL A 48 -3.47 4.23 -20.30
C VAL A 48 -2.27 4.91 -20.94
N MET A 49 -1.07 4.58 -20.48
CA MET A 49 0.14 5.10 -21.10
C MET A 49 0.43 4.46 -22.44
N ARG A 50 0.71 5.29 -23.44
CA ARG A 50 0.94 4.81 -24.80
C ARG A 50 2.19 5.43 -25.38
N ASP A 51 2.75 4.75 -26.38
CA ASP A 51 3.87 5.32 -27.12
C ASP A 51 3.42 6.58 -27.87
N PRO A 52 4.21 7.65 -27.87
CA PRO A 52 3.78 8.89 -28.54
C PRO A 52 3.73 8.78 -30.05
N ASN A 53 4.46 7.85 -30.66
CA ASN A 53 4.48 7.71 -32.12
C ASN A 53 3.56 6.60 -32.61
N THR A 54 3.63 5.42 -32.01
CA THR A 54 2.87 4.28 -32.50
C THR A 54 1.49 4.18 -31.90
N LYS A 55 1.22 4.86 -30.78
CA LYS A 55 0.01 4.72 -29.97
C LYS A 55 -0.14 3.34 -29.35
N ARG A 56 0.85 2.47 -29.47
CA ARG A 56 0.76 1.16 -28.85
C ARG A 56 0.91 1.31 -27.34
N SER A 57 0.04 0.62 -26.61
CA SER A 57 0.08 0.65 -25.15
C SER A 57 1.47 0.31 -24.61
N ARG A 58 1.84 1.01 -23.54
CA ARG A 58 3.05 0.70 -22.78
C ARG A 58 2.78 -0.33 -21.70
N GLY A 59 1.55 -0.82 -21.60
CA GLY A 59 1.24 -1.89 -20.66
C GLY A 59 1.01 -1.44 -19.23
N PHE A 60 0.86 -0.14 -18.99
CA PHE A 60 0.54 0.37 -17.67
C PHE A 60 -0.25 1.66 -17.80
N GLY A 61 -0.88 2.03 -16.70
CA GLY A 61 -1.65 3.25 -16.65
C GLY A 61 -1.89 3.65 -15.22
N PHE A 62 -2.80 4.58 -15.02
CA PHE A 62 -3.17 4.92 -13.65
C PHE A 62 -4.62 5.36 -13.61
N VAL A 63 -5.19 5.27 -12.42
CA VAL A 63 -6.51 5.80 -12.15
C VAL A 63 -6.41 6.66 -10.89
N THR A 64 -7.25 7.67 -10.80
CA THR A 64 -7.31 8.54 -9.64
C THR A 64 -8.74 8.54 -9.11
N TYR A 65 -8.90 8.13 -7.86
CA TYR A 65 -10.20 8.14 -7.21
C TYR A 65 -10.48 9.47 -6.52
N ALA A 66 -11.76 9.67 -6.18
CA ALA A 66 -12.15 10.90 -5.49
C ALA A 66 -11.70 10.89 -4.03
N THR A 67 -11.54 9.71 -3.43
CA THR A 67 -11.18 9.61 -2.01
C THR A 67 -10.23 8.44 -1.77
N VAL A 68 -9.50 8.54 -0.65
CA VAL A 68 -8.62 7.46 -0.22
C VAL A 68 -9.39 6.19 0.11
N GLU A 69 -10.59 6.32 0.72
CA GLU A 69 -11.37 5.12 0.99
C GLU A 69 -11.69 4.35 -0.29
N GLU A 70 -11.87 5.05 -1.42
CA GLU A 70 -12.09 4.36 -2.68
C GLU A 70 -10.84 3.62 -3.13
N VAL A 71 -9.66 4.22 -2.95
CA VAL A 71 -8.42 3.50 -3.24
C VAL A 71 -8.37 2.21 -2.43
N ASP A 72 -8.68 2.32 -1.13
CA ASP A 72 -8.71 1.14 -0.26
C ASP A 72 -9.65 0.08 -0.82
N ALA A 73 -10.85 0.51 -1.25
CA ALA A 73 -11.82 -0.46 -1.77
C ALA A 73 -11.27 -1.18 -3.00
N ALA A 74 -10.64 -0.43 -3.91
CA ALA A 74 -10.05 -1.04 -5.09
C ALA A 74 -8.97 -2.04 -4.71
N MET A 75 -8.09 -1.64 -3.79
CA MET A 75 -7.01 -2.55 -3.39
C MET A 75 -7.58 -3.78 -2.70
N ASN A 76 -8.65 -3.63 -1.91
CA ASN A 76 -9.22 -4.78 -1.22
C ASN A 76 -9.93 -5.73 -2.19
N ALA A 77 -10.23 -5.28 -3.40
CA ALA A 77 -10.86 -6.11 -4.42
C ALA A 77 -9.88 -6.81 -5.34
N ARG A 78 -8.57 -6.69 -5.11
CA ARG A 78 -7.61 -7.50 -5.84
C ARG A 78 -7.88 -8.97 -5.56
N PRO A 79 -7.51 -9.86 -6.48
CA PRO A 79 -6.86 -9.58 -7.76
C PRO A 79 -7.82 -9.02 -8.78
N HIS A 80 -7.34 -8.06 -9.56
CA HIS A 80 -8.12 -7.46 -10.65
C HIS A 80 -7.74 -8.08 -11.97
N LYS A 81 -8.72 -8.64 -12.67
CA LYS A 81 -8.56 -9.14 -14.02
C LYS A 81 -9.23 -8.12 -14.94
N VAL A 82 -8.42 -7.39 -15.69
CA VAL A 82 -8.89 -6.29 -16.52
C VAL A 82 -8.68 -6.72 -17.95
N ASP A 83 -9.77 -6.79 -18.72
CA ASP A 83 -9.69 -7.21 -20.13
C ASP A 83 -8.93 -8.53 -20.27
N GLY A 84 -9.17 -9.45 -19.34
CA GLY A 84 -8.66 -10.80 -19.43
C GLY A 84 -7.29 -11.03 -18.84
N ARG A 85 -6.67 -10.03 -18.23
CA ARG A 85 -5.31 -10.15 -17.71
C ARG A 85 -5.30 -9.66 -16.26
N VAL A 86 -4.65 -10.43 -15.38
CA VAL A 86 -4.50 -9.97 -13.99
C VAL A 86 -3.47 -8.85 -13.95
N VAL A 87 -3.88 -7.70 -13.42
CA VAL A 87 -3.04 -6.52 -13.40
C VAL A 87 -2.42 -6.34 -12.02
N GLU A 88 -1.54 -5.35 -11.89
CA GLU A 88 -0.79 -5.12 -10.65
C GLU A 88 -0.98 -3.67 -10.19
N PRO A 89 -1.98 -3.40 -9.35
CA PRO A 89 -2.18 -2.04 -8.86
C PRO A 89 -1.27 -1.76 -7.66
N LYS A 90 -0.74 -0.55 -7.62
CA LYS A 90 0.06 -0.09 -6.49
C LYS A 90 -0.21 1.39 -6.27
N ARG A 91 -0.24 1.81 -5.01
CA ARG A 91 -0.37 3.23 -4.73
C ARG A 91 0.86 3.97 -5.25
N ALA A 92 0.63 5.21 -5.69
CA ALA A 92 1.71 6.06 -6.15
C ALA A 92 2.77 6.24 -5.08
N VAL A 93 3.99 6.55 -5.50
CA VAL A 93 5.14 6.51 -4.60
C VAL A 93 5.10 7.66 -3.61
N SER A 94 5.76 7.45 -2.48
CA SER A 94 5.97 8.48 -1.46
C SER A 94 7.46 8.78 -1.34
N HIS A 104 8.59 2.12 -7.41
CA HIS A 104 7.94 1.75 -6.16
C HIS A 104 8.83 0.73 -5.43
N LEU A 105 9.08 0.97 -4.15
CA LEU A 105 9.82 0.03 -3.31
C LEU A 105 8.82 -0.92 -2.69
N THR A 106 8.60 -2.06 -3.34
CA THR A 106 7.49 -2.96 -3.01
C THR A 106 7.97 -3.97 -1.98
N VAL A 107 7.61 -3.73 -0.72
CA VAL A 107 8.04 -4.61 0.37
C VAL A 107 6.86 -4.93 1.27
N LYS A 108 7.03 -5.98 2.06
CA LYS A 108 5.97 -6.47 2.94
C LYS A 108 6.32 -6.30 4.42
N LYS A 109 7.43 -5.65 4.72
CA LYS A 109 7.95 -5.59 6.09
C LYS A 109 8.22 -4.14 6.47
N ILE A 110 7.90 -3.81 7.73
CA ILE A 110 8.17 -2.50 8.28
C ILE A 110 9.07 -2.61 9.49
N PHE A 111 9.86 -1.56 9.67
CA PHE A 111 10.54 -1.24 10.92
C PHE A 111 9.63 -0.34 11.74
N VAL A 112 9.52 -0.65 13.03
CA VAL A 112 8.73 0.13 13.98
C VAL A 112 9.66 0.52 15.12
N GLY A 113 9.96 1.81 15.23
CA GLY A 113 10.88 2.27 16.26
C GLY A 113 10.20 3.14 17.29
N GLY A 114 10.80 3.25 18.47
CA GLY A 114 10.27 4.10 19.52
C GLY A 114 9.28 3.41 20.44
N ILE A 115 9.25 2.08 20.45
CA ILE A 115 8.29 1.34 21.28
C ILE A 115 8.80 1.09 22.68
N LYS A 116 10.06 1.43 22.97
CA LYS A 116 10.60 1.33 24.33
C LYS A 116 10.57 -0.10 24.84
N GLU A 117 10.54 -0.30 26.15
CA GLU A 117 10.66 -1.63 26.73
C GLU A 117 9.35 -2.25 27.18
N ASP A 118 8.24 -1.51 27.17
CA ASP A 118 6.97 -2.04 27.67
C ASP A 118 6.03 -2.49 26.55
N THR A 119 6.40 -2.31 25.29
CA THR A 119 5.52 -2.71 24.20
C THR A 119 5.71 -4.18 23.89
N GLU A 120 4.59 -4.90 23.79
CA GLU A 120 4.55 -6.34 23.60
C GLU A 120 3.92 -6.67 22.25
N GLU A 121 3.95 -7.97 21.93
CA GLU A 121 3.48 -8.43 20.64
C GLU A 121 2.02 -8.04 20.39
N HIS A 122 1.18 -8.16 21.42
CA HIS A 122 -0.24 -7.92 21.23
C HIS A 122 -0.52 -6.45 20.95
N HIS A 123 0.31 -5.54 21.48
CA HIS A 123 0.14 -4.12 21.18
C HIS A 123 0.36 -3.87 19.69
N LEU A 124 1.42 -4.47 19.14
CA LEU A 124 1.71 -4.28 17.73
C LEU A 124 0.68 -4.97 16.87
N ARG A 125 0.23 -6.17 17.28
CA ARG A 125 -0.74 -6.90 16.47
C ARG A 125 -2.08 -6.17 16.46
N ASP A 126 -2.56 -5.72 17.62
CA ASP A 126 -3.87 -5.10 17.69
C ASP A 126 -3.93 -3.86 16.82
N TYR A 127 -2.83 -3.11 16.76
CA TYR A 127 -2.78 -1.90 15.95
C TYR A 127 -2.60 -2.23 14.47
N PHE A 128 -1.56 -3.00 14.14
CA PHE A 128 -1.21 -3.16 12.74
C PHE A 128 -2.12 -4.13 11.99
N GLU A 129 -2.85 -4.99 12.68
CA GLU A 129 -3.74 -5.93 11.98
C GLU A 129 -4.83 -5.22 11.19
N GLN A 130 -5.12 -3.96 11.51
CA GLN A 130 -6.12 -3.22 10.76
C GLN A 130 -5.58 -2.65 9.47
N TYR A 131 -4.27 -2.76 9.23
CA TYR A 131 -3.68 -2.38 7.94
C TYR A 131 -3.53 -3.56 6.99
N GLY A 132 -3.48 -4.77 7.52
CA GLY A 132 -3.30 -5.94 6.68
C GLY A 132 -3.08 -7.17 7.53
N LYS A 133 -2.97 -8.30 6.86
CA LYS A 133 -2.80 -9.58 7.53
C LYS A 133 -1.34 -9.77 7.94
N ILE A 134 -1.11 -9.91 9.24
CA ILE A 134 0.24 -10.04 9.76
C ILE A 134 0.70 -11.49 9.70
N GLU A 135 1.92 -11.70 9.19
CA GLU A 135 2.56 -13.00 9.26
C GLU A 135 3.63 -13.14 10.33
N VAL A 136 4.39 -12.08 10.62
CA VAL A 136 5.47 -12.16 11.61
C VAL A 136 5.52 -10.87 12.39
N ILE A 137 5.69 -10.97 13.70
CA ILE A 137 6.05 -9.83 14.55
C ILE A 137 7.34 -10.20 15.28
N GLU A 138 8.36 -9.37 15.12
CA GLU A 138 9.66 -9.62 15.74
C GLU A 138 10.02 -8.42 16.62
N ILE A 139 9.86 -8.58 17.93
CA ILE A 139 10.29 -7.58 18.88
C ILE A 139 11.76 -7.78 19.17
N MET A 140 12.58 -6.78 18.85
CA MET A 140 14.03 -6.93 18.95
C MET A 140 14.53 -6.86 20.39
N THR A 141 15.42 -7.78 20.73
CA THR A 141 16.02 -7.86 22.05
C THR A 141 17.53 -7.87 21.91
N ASP A 142 18.20 -7.47 23.00
CA ASP A 142 19.65 -7.39 22.98
C ASP A 142 20.26 -8.79 22.94
N ARG A 143 21.21 -8.96 22.02
CA ARG A 143 21.86 -10.26 21.81
C ARG A 143 22.55 -10.76 23.06
N GLY A 144 23.04 -9.86 23.91
CA GLY A 144 23.76 -10.23 25.11
C GLY A 144 22.90 -10.36 26.34
N SER A 145 21.99 -9.40 26.57
CA SER A 145 21.23 -9.33 27.81
C SER A 145 19.79 -9.80 27.69
N GLY A 146 19.25 -9.87 26.48
CA GLY A 146 17.86 -10.19 26.29
C GLY A 146 16.90 -9.04 26.53
N LYS A 147 17.38 -7.86 26.89
CA LYS A 147 16.49 -6.75 27.13
C LYS A 147 15.93 -6.22 25.82
N LYS A 148 14.70 -5.70 25.87
CA LYS A 148 14.10 -5.13 24.69
C LYS A 148 14.87 -3.91 24.23
N ARG A 149 15.08 -3.79 22.93
CA ARG A 149 15.84 -2.70 22.36
C ARG A 149 14.98 -1.52 21.96
N GLY A 150 13.66 -1.66 21.99
CA GLY A 150 12.77 -0.57 21.66
C GLY A 150 12.42 -0.44 20.20
N PHE A 151 12.55 -1.53 19.43
CA PHE A 151 12.06 -1.52 18.06
C PHE A 151 11.64 -2.93 17.66
N ALA A 152 10.94 -3.02 16.54
CA ALA A 152 10.34 -4.26 16.10
C ALA A 152 10.22 -4.24 14.59
N PHE A 153 10.01 -5.43 14.02
CA PHE A 153 9.66 -5.57 12.62
C PHE A 153 8.35 -6.32 12.52
N VAL A 154 7.50 -5.87 11.60
CA VAL A 154 6.23 -6.53 11.31
C VAL A 154 6.21 -6.88 9.84
N THR A 155 5.90 -8.12 9.52
CA THR A 155 5.81 -8.61 8.15
C THR A 155 4.37 -8.95 7.85
N PHE A 156 3.87 -8.43 6.73
CA PHE A 156 2.50 -8.66 6.29
C PHE A 156 2.48 -9.62 5.12
N ASP A 157 1.28 -10.06 4.76
CA ASP A 157 1.16 -10.94 3.61
C ASP A 157 1.15 -10.20 2.26
N ASP A 158 1.22 -8.87 2.27
CA ASP A 158 1.03 -8.12 1.04
C ASP A 158 1.55 -6.70 1.24
N HIS A 159 2.02 -6.10 0.16
CA HIS A 159 2.68 -4.81 0.22
C HIS A 159 1.74 -3.64 0.48
N ASP A 160 0.44 -3.75 0.17
CA ASP A 160 -0.41 -2.58 0.31
C ASP A 160 -0.55 -2.14 1.76
N SER A 161 -0.53 -3.10 2.69
N SER A 161 -0.52 -3.10 2.69
CA SER A 161 -0.51 -2.77 4.11
CA SER A 161 -0.52 -2.77 4.12
C SER A 161 0.62 -1.80 4.42
C SER A 161 0.63 -1.82 4.45
N VAL A 162 1.84 -2.15 3.99
CA VAL A 162 2.99 -1.29 4.22
C VAL A 162 2.82 0.07 3.55
N ASP A 163 2.31 0.08 2.31
CA ASP A 163 2.13 1.34 1.60
C ASP A 163 1.19 2.27 2.33
N LYS A 164 0.10 1.73 2.89
CA LYS A 164 -0.81 2.53 3.70
C LYS A 164 -0.13 3.04 4.96
N ILE A 165 0.66 2.19 5.59
CA ILE A 165 1.26 2.53 6.88
C ILE A 165 2.23 3.68 6.73
N VAL A 166 3.12 3.60 5.74
CA VAL A 166 4.24 4.55 5.70
C VAL A 166 3.85 5.94 5.23
N ILE A 167 2.65 6.11 4.68
CA ILE A 167 2.23 7.46 4.29
C ILE A 167 1.53 8.19 5.42
N GLN A 168 1.17 7.50 6.49
CA GLN A 168 0.61 8.21 7.64
C GLN A 168 1.67 9.10 8.28
N LYS A 169 1.25 10.30 8.72
CA LYS A 169 2.18 11.17 9.45
C LYS A 169 2.54 10.61 10.82
N TYR A 170 1.62 9.89 11.46
CA TYR A 170 1.74 9.50 12.87
C TYR A 170 1.34 8.05 13.06
N HIS A 171 2.03 7.38 13.98
CA HIS A 171 1.62 6.07 14.47
C HIS A 171 1.76 6.07 15.99
N THR A 172 0.66 5.80 16.69
CA THR A 172 0.63 5.75 18.14
C THR A 172 0.32 4.31 18.56
N VAL A 173 1.28 3.66 19.20
CA VAL A 173 1.16 2.26 19.60
C VAL A 173 1.55 2.16 21.07
N ASN A 174 0.67 1.61 21.89
CA ASN A 174 0.92 1.48 23.33
C ASN A 174 1.27 2.85 23.92
N GLY A 175 0.60 3.90 23.44
CA GLY A 175 0.85 5.24 23.91
C GLY A 175 2.14 5.88 23.43
N HIS A 176 2.95 5.20 22.63
CA HIS A 176 4.21 5.74 22.13
C HIS A 176 4.01 6.28 20.72
N ASN A 177 4.62 7.43 20.45
CA ASN A 177 4.69 7.96 19.09
C ASN A 177 5.85 7.27 18.37
N CYS A 178 5.52 6.49 17.35
CA CYS A 178 6.48 5.58 16.73
C CYS A 178 6.96 6.09 15.38
N GLU A 179 8.17 5.70 15.02
CA GLU A 179 8.72 5.92 13.68
C GLU A 179 8.56 4.61 12.92
N VAL A 180 7.95 4.68 11.74
CA VAL A 180 7.68 3.49 10.96
C VAL A 180 8.21 3.71 9.55
N ARG A 181 8.97 2.74 9.06
CA ARG A 181 9.54 2.85 7.73
C ARG A 181 9.55 1.48 7.05
N LYS A 182 9.62 1.51 5.71
CA LYS A 182 9.78 0.28 4.95
C LYS A 182 11.10 -0.38 5.32
N ALA A 183 11.10 -1.71 5.44
CA ALA A 183 12.27 -2.47 5.85
C ALA A 183 12.75 -3.38 4.72
N LEU A 184 14.07 -3.42 4.55
CA LEU A 184 14.79 -4.12 3.48
C LEU A 184 14.15 -3.82 2.11
C4 W0S B . 4.91 4.84 -12.50
C5 W0S B . 4.31 3.26 -10.66
C6 W0S B . 3.97 1.99 -10.21
C7 W0S B . 3.53 2.75 -8.00
C8 W0S B . 3.86 0.93 -11.11
N W0S B . 4.90 5.80 -11.40
C3 W0S B . 4.54 3.47 -12.01
C2 W0S B . 4.43 2.43 -12.91
O1 W0S B . 3.72 1.68 -8.90
O2 W0S B . 3.52 -0.32 -10.67
C9 W0S B . 2.12 -0.57 -10.66
C1 W0S B . 4.10 1.17 -12.47
O W0S B . 3.97 0.08 -13.29
C W0S B . 4.71 0.11 -14.51
#